data_5W4E
#
_entry.id   5W4E
#
_cell.length_a   78.683
_cell.length_b   89.493
_cell.length_c   100.296
_cell.angle_alpha   90.00
_cell.angle_beta   90.00
_cell.angle_gamma   90.00
#
_symmetry.space_group_name_H-M   'P 21 21 21'
#
loop_
_entity.id
_entity.type
_entity.pdbx_description
1 polymer 'Importin subunit alpha-1,Importin subunit alpha-1'
2 polymer 'human DNA repair polymerase Tdt'
3 non-polymer GLYCEROL
4 water water
#
loop_
_entity_poly.entity_id
_entity_poly.type
_entity_poly.pdbx_seq_one_letter_code
_entity_poly.pdbx_strand_id
1 'polypeptide(L)'
;MHHHHHHSSGLVPRGSGMKETAAAKFERQHMDSPDLGTDDDDKAMADIGSNQGTVNWSVEDIVKGINSNNLESQLQATQA
ARKLLSREKQPPIDNIIRAGLIPKFVSFLGKTDCSPIQFESAWALTNIASGTSEQTKAVVDGGAIPAFISLLASPHAHIS
EQAVWALGNIAGDGSAFRDLVIKHGAIDPLLALLAVPDLSTLACGYLRNLTWTLSNLCRNKNPAPPLDAVEQILPTLVRL
LHHNDPEVLADSCWAISYLTDGPNERIEMVVKKGVVPQLVKLLGATELPIVTPALRAIGNIVTGTDEQTQKVIDAGALAV
FPSLLTNPKTNIQKEATWTMSNITAGRQDQIQQVVNHGLVPFLVGVLSKADFKTQKEAAWAITNYTSGGTVEQIVYLVHC
GIIEPLMNLLSAKDTKIIQVILDAISNIFQAAEKLGETEKLSIMIEECGGLDKIEALQRHENESVYKASLNLIEKYFSVE
EEEDQNVVPETTSEGFAFQVQDGAPGTFNF
;
B
2 'polypeptide(L)' SHLSPRKKRPRQTGAL A,D
#
loop_
_chem_comp.id
_chem_comp.type
_chem_comp.name
_chem_comp.formula
GOL non-polymer GLYCEROL 'C3 H8 O3'
#
# COMPACT_ATOMS: atom_id res chain seq x y z
N GLY A 53 -11.94 -33.24 24.31
CA GLY A 53 -11.53 -33.09 25.69
C GLY A 53 -11.55 -31.63 26.13
N THR A 54 -10.92 -30.77 25.34
CA THR A 54 -10.92 -29.33 25.59
C THR A 54 -11.83 -28.61 24.59
N VAL A 55 -12.79 -29.35 24.03
CA VAL A 55 -13.69 -28.78 23.03
C VAL A 55 -14.98 -28.20 23.67
N ASN A 56 -15.34 -27.02 23.20
CA ASN A 56 -16.59 -26.36 23.59
C ASN A 56 -16.79 -26.23 25.10
N TRP A 57 -15.78 -25.76 25.83
CA TRP A 57 -15.99 -25.48 27.25
C TRP A 57 -16.74 -24.16 27.37
N SER A 58 -17.33 -23.95 28.53
CA SER A 58 -17.88 -22.65 28.87
C SER A 58 -16.78 -21.79 29.48
N VAL A 59 -16.98 -20.49 29.47
CA VAL A 59 -15.99 -19.57 30.05
C VAL A 59 -15.82 -19.84 31.53
N GLU A 60 -16.92 -20.19 32.20
CA GLU A 60 -16.84 -20.41 33.63
C GLU A 60 -15.99 -21.64 33.96
N ASP A 61 -16.09 -22.70 33.14
CA ASP A 61 -15.22 -23.88 33.30
C ASP A 61 -13.75 -23.52 33.05
N ILE A 62 -13.52 -22.70 32.03
CA ILE A 62 -12.16 -22.21 31.75
C ILE A 62 -11.62 -21.48 32.97
N VAL A 63 -12.44 -20.61 33.57
CA VAL A 63 -12.01 -19.84 34.72
C VAL A 63 -11.68 -20.75 35.90
N LYS A 64 -12.56 -21.74 36.12
CA LYS A 64 -12.38 -22.68 37.20
C LYS A 64 -11.05 -23.43 37.07
N GLY A 65 -10.73 -23.86 35.85
CA GLY A 65 -9.50 -24.58 35.61
C GLY A 65 -8.27 -23.71 35.77
N ILE A 66 -8.36 -22.49 35.26
CA ILE A 66 -7.22 -21.59 35.31
C ILE A 66 -6.98 -21.12 36.73
N ASN A 67 -8.05 -21.00 37.51
CA ASN A 67 -7.91 -20.66 38.93
C ASN A 67 -7.54 -21.81 39.85
N SER A 68 -7.48 -23.03 39.34
CA SER A 68 -7.08 -24.16 40.18
C SER A 68 -5.60 -23.99 40.57
N ASN A 69 -5.15 -24.72 41.58
CA ASN A 69 -3.74 -24.57 41.95
C ASN A 69 -2.85 -25.57 41.18
N ASN A 70 -3.30 -25.98 39.99
CA ASN A 70 -2.78 -27.17 39.30
C ASN A 70 -2.40 -26.85 37.85
N LEU A 71 -1.11 -26.89 37.58
CA LEU A 71 -0.58 -26.49 36.29
C LEU A 71 -1.17 -27.29 35.14
N GLU A 72 -1.39 -28.59 35.34
CA GLU A 72 -2.03 -29.37 34.29
C GLU A 72 -3.49 -28.97 34.06
N SER A 73 -4.24 -28.72 35.13
CA SER A 73 -5.59 -28.20 34.98
C SER A 73 -5.56 -26.85 34.28
N GLN A 74 -4.58 -26.01 34.62
CA GLN A 74 -4.44 -24.69 33.97
C GLN A 74 -4.18 -24.84 32.49
N LEU A 75 -3.29 -25.76 32.14
CA LEU A 75 -2.98 -26.03 30.74
C LEU A 75 -4.21 -26.49 29.97
N GLN A 76 -4.99 -27.39 30.54
CA GLN A 76 -6.15 -27.90 29.82
C GLN A 76 -7.18 -26.78 29.61
N ALA A 77 -7.36 -25.96 30.63
CA ALA A 77 -8.34 -24.87 30.54
C ALA A 77 -7.87 -23.79 29.55
N THR A 78 -6.56 -23.59 29.48
CA THR A 78 -5.99 -22.61 28.57
C THR A 78 -6.13 -23.08 27.13
N GLN A 79 -5.86 -24.36 26.89
CA GLN A 79 -6.14 -24.93 25.58
C GLN A 79 -7.61 -24.80 25.19
N ALA A 80 -8.52 -25.07 26.13
CA ALA A 80 -9.95 -24.91 25.88
C ALA A 80 -10.29 -23.46 25.52
N ALA A 81 -9.66 -22.51 26.20
CA ALA A 81 -9.79 -21.11 25.84
C ALA A 81 -9.30 -20.84 24.40
N ARG A 82 -8.13 -21.37 24.08
CA ARG A 82 -7.59 -21.28 22.73
C ARG A 82 -8.56 -21.80 21.67
N LYS A 83 -9.20 -22.94 21.95
CA LYS A 83 -10.12 -23.51 20.98
C LYS A 83 -11.36 -22.65 20.82
N LEU A 84 -11.92 -22.16 21.93
CA LEU A 84 -13.00 -21.16 21.87
C LEU A 84 -12.62 -19.92 21.04
N LEU A 85 -11.43 -19.40 21.28
CA LEU A 85 -11.00 -18.18 20.61
C LEU A 85 -10.61 -18.44 19.16
N SER A 86 -10.56 -19.71 18.79
CA SER A 86 -10.15 -20.13 17.45
C SER A 86 -11.29 -20.39 16.47
N ARG A 87 -12.52 -20.38 16.94
CA ARG A 87 -13.66 -20.72 16.09
C ARG A 87 -14.03 -19.53 15.21
N GLU A 88 -14.46 -19.83 13.99
CA GLU A 88 -14.69 -18.81 12.97
C GLU A 88 -15.85 -17.86 13.34
N LYS A 89 -16.91 -18.41 13.93
CA LYS A 89 -18.09 -17.61 14.25
C LYS A 89 -18.05 -17.02 15.65
N GLN A 90 -17.87 -15.69 15.72
CA GLN A 90 -18.03 -14.92 16.95
C GLN A 90 -17.36 -15.54 18.18
N PRO A 91 -16.02 -15.64 18.15
CA PRO A 91 -15.27 -16.10 19.34
C PRO A 91 -15.51 -15.16 20.51
N PRO A 92 -15.74 -15.69 21.71
CA PRO A 92 -16.16 -14.82 22.81
C PRO A 92 -15.01 -14.03 23.44
N ILE A 93 -14.40 -13.14 22.66
CA ILE A 93 -13.28 -12.34 23.14
C ILE A 93 -13.63 -11.50 24.37
N ASP A 94 -14.73 -10.76 24.30
CA ASP A 94 -15.09 -9.88 25.40
C ASP A 94 -15.43 -10.67 26.66
N ASN A 95 -16.06 -11.83 26.51
CA ASN A 95 -16.30 -12.73 27.64
C ASN A 95 -15.01 -13.17 28.34
N ILE A 96 -14.03 -13.58 27.54
CA ILE A 96 -12.73 -13.98 28.05
C ILE A 96 -12.05 -12.81 28.78
N ILE A 97 -12.10 -11.63 28.18
CA ILE A 97 -11.53 -10.44 28.82
C ILE A 97 -12.26 -10.12 30.13
N ARG A 98 -13.59 -10.10 30.08
CA ARG A 98 -14.39 -9.78 31.27
C ARG A 98 -14.12 -10.77 32.43
N ALA A 99 -13.91 -12.05 32.10
CA ALA A 99 -13.56 -13.05 33.12
C ALA A 99 -12.20 -12.81 33.77
N GLY A 100 -11.45 -11.80 33.32
CA GLY A 100 -10.17 -11.47 33.92
C GLY A 100 -9.02 -12.42 33.54
N LEU A 101 -9.14 -13.07 32.39
CA LEU A 101 -8.15 -14.09 32.01
C LEU A 101 -6.82 -13.58 31.42
N ILE A 102 -6.79 -12.35 30.90
CA ILE A 102 -5.57 -11.87 30.23
C ILE A 102 -4.34 -11.92 31.11
N PRO A 103 -4.43 -11.40 32.36
CA PRO A 103 -3.24 -11.46 33.22
C PRO A 103 -2.73 -12.88 33.49
N LYS A 104 -3.64 -13.85 33.49
CA LYS A 104 -3.27 -15.23 33.73
C LYS A 104 -2.51 -15.77 32.52
N PHE A 105 -3.08 -15.57 31.34
CA PHE A 105 -2.42 -15.93 30.08
C PHE A 105 -1.03 -15.30 30.00
N VAL A 106 -0.94 -14.01 30.30
CA VAL A 106 0.36 -13.34 30.26
C VAL A 106 1.34 -14.01 31.22
N SER A 107 0.91 -14.37 32.43
CA SER A 107 1.85 -15.04 33.34
C SER A 107 2.25 -16.42 32.81
N PHE A 108 1.34 -17.09 32.10
CA PHE A 108 1.65 -18.41 31.54
C PHE A 108 2.70 -18.32 30.43
N LEU A 109 2.80 -17.16 29.77
CA LEU A 109 3.83 -16.97 28.75
C LEU A 109 5.22 -17.14 29.38
N GLY A 110 5.33 -16.83 30.67
CA GLY A 110 6.62 -16.89 31.35
C GLY A 110 7.03 -18.26 31.89
N LYS A 111 6.18 -19.27 31.75
CA LYS A 111 6.49 -20.60 32.30
C LYS A 111 7.37 -21.43 31.39
N THR A 112 8.67 -21.14 31.45
CA THR A 112 9.65 -21.81 30.58
C THR A 112 9.64 -23.31 30.82
N ASP A 113 9.30 -23.65 32.05
CA ASP A 113 9.15 -25.02 32.54
C ASP A 113 8.02 -25.81 31.86
N CYS A 114 7.00 -25.11 31.35
CA CYS A 114 5.86 -25.77 30.71
C CYS A 114 5.56 -25.17 29.32
N SER A 115 6.37 -25.58 28.34
CA SER A 115 6.28 -25.00 27.01
C SER A 115 4.87 -25.11 26.39
N PRO A 116 4.14 -26.20 26.67
CA PRO A 116 2.78 -26.24 26.11
C PRO A 116 1.83 -25.12 26.58
N ILE A 117 1.93 -24.69 27.84
CA ILE A 117 1.04 -23.63 28.30
C ILE A 117 1.50 -22.27 27.75
N GLN A 118 2.80 -22.13 27.52
CA GLN A 118 3.32 -20.96 26.82
C GLN A 118 2.67 -20.84 25.46
N PHE A 119 2.62 -21.95 24.73
CA PHE A 119 2.07 -21.97 23.38
C PHE A 119 0.57 -21.70 23.36
N GLU A 120 -0.18 -22.41 24.19
CA GLU A 120 -1.63 -22.25 24.22
C GLU A 120 -2.01 -20.82 24.64
N SER A 121 -1.28 -20.26 25.60
CA SER A 121 -1.63 -18.93 26.05
C SER A 121 -1.22 -17.89 24.99
N ALA A 122 -0.10 -18.14 24.32
CA ALA A 122 0.36 -17.28 23.24
C ALA A 122 -0.67 -17.22 22.12
N TRP A 123 -1.24 -18.37 21.78
CA TRP A 123 -2.24 -18.46 20.73
C TRP A 123 -3.53 -17.76 21.18
N ALA A 124 -3.96 -17.99 22.42
CA ALA A 124 -5.17 -17.34 22.94
C ALA A 124 -5.02 -15.82 22.88
N LEU A 125 -3.89 -15.32 23.35
CA LEU A 125 -3.65 -13.90 23.38
C LEU A 125 -3.50 -13.33 21.97
N THR A 126 -2.91 -14.11 21.06
CA THR A 126 -2.84 -13.71 19.67
C THR A 126 -4.23 -13.38 19.17
N ASN A 127 -5.19 -14.23 19.49
CA ASN A 127 -6.53 -14.09 18.92
C ASN A 127 -7.31 -12.99 19.59
N ILE A 128 -7.11 -12.79 20.89
CA ILE A 128 -7.64 -11.59 21.54
C ILE A 128 -7.05 -10.32 20.89
N ALA A 129 -5.73 -10.31 20.66
CA ALA A 129 -5.07 -9.13 20.10
C ALA A 129 -5.47 -8.86 18.63
N SER A 130 -6.06 -9.85 17.98
CA SER A 130 -6.50 -9.72 16.59
C SER A 130 -7.84 -8.98 16.50
N GLY A 131 -8.45 -8.68 17.64
CA GLY A 131 -9.77 -8.08 17.66
C GLY A 131 -9.77 -6.57 17.44
N THR A 132 -10.68 -5.89 18.12
CA THR A 132 -10.78 -4.43 18.04
C THR A 132 -9.62 -3.77 18.76
N SER A 133 -9.48 -2.46 18.58
CA SER A 133 -8.44 -1.72 19.27
C SER A 133 -8.53 -1.90 20.76
N GLU A 134 -9.75 -1.88 21.29
CA GLU A 134 -9.97 -2.04 22.72
C GLU A 134 -9.54 -3.44 23.20
N GLN A 135 -9.76 -4.45 22.36
CA GLN A 135 -9.35 -5.82 22.67
C GLN A 135 -7.82 -5.93 22.61
N THR A 136 -7.21 -5.32 21.60
CA THR A 136 -5.75 -5.32 21.51
C THR A 136 -5.15 -4.60 22.71
N LYS A 137 -5.77 -3.49 23.08
CA LYS A 137 -5.33 -2.72 24.24
C LYS A 137 -5.35 -3.55 25.52
N ALA A 138 -6.37 -4.40 25.67
CA ALA A 138 -6.48 -5.24 26.88
C ALA A 138 -5.28 -6.19 26.94
N VAL A 139 -4.83 -6.69 25.79
CA VAL A 139 -3.64 -7.54 25.76
C VAL A 139 -2.39 -6.74 26.15
N VAL A 140 -2.21 -5.59 25.53
CA VAL A 140 -1.07 -4.74 25.85
C VAL A 140 -1.10 -4.32 27.33
N ASP A 141 -2.28 -3.97 27.83
CA ASP A 141 -2.42 -3.54 29.23
C ASP A 141 -2.04 -4.63 30.23
N GLY A 142 -2.11 -5.89 29.81
CA GLY A 142 -1.71 -7.03 30.64
C GLY A 142 -0.22 -7.29 30.72
N GLY A 143 0.59 -6.46 30.06
CA GLY A 143 2.04 -6.65 30.03
C GLY A 143 2.53 -7.66 28.98
N ALA A 144 1.68 -8.00 28.02
CA ALA A 144 2.03 -8.99 27.00
C ALA A 144 3.23 -8.64 26.12
N ILE A 145 3.44 -7.35 25.81
CA ILE A 145 4.50 -7.03 24.85
C ILE A 145 5.88 -7.57 25.27
N PRO A 146 6.35 -7.22 26.48
CA PRO A 146 7.69 -7.72 26.85
C PRO A 146 7.72 -9.24 27.02
N ALA A 147 6.60 -9.82 27.44
CA ALA A 147 6.52 -11.26 27.58
C ALA A 147 6.62 -11.97 26.20
N PHE A 148 5.96 -11.42 25.19
CA PHE A 148 6.08 -11.99 23.85
C PHE A 148 7.48 -11.79 23.30
N ILE A 149 8.07 -10.62 23.55
CA ILE A 149 9.43 -10.37 23.08
C ILE A 149 10.40 -11.38 23.68
N SER A 150 10.23 -11.73 24.95
CA SER A 150 11.05 -12.80 25.55
C SER A 150 10.84 -14.13 24.86
N LEU A 151 9.65 -14.40 24.39
CA LEU A 151 9.40 -15.67 23.72
C LEU A 151 9.99 -15.77 22.33
N LEU A 152 10.44 -14.64 21.77
CA LEU A 152 11.10 -14.69 20.47
C LEU A 152 12.37 -15.58 20.51
N ALA A 153 12.97 -15.67 21.70
CA ALA A 153 14.19 -16.47 21.91
C ALA A 153 13.91 -17.94 22.29
N SER A 154 12.65 -18.34 22.27
CA SER A 154 12.29 -19.70 22.64
C SER A 154 12.95 -20.73 21.71
N PRO A 155 13.46 -21.85 22.28
CA PRO A 155 13.98 -22.95 21.46
C PRO A 155 12.90 -23.65 20.68
N HIS A 156 11.64 -23.40 21.02
CA HIS A 156 10.53 -24.04 20.33
C HIS A 156 10.02 -23.14 19.21
N ALA A 157 10.26 -23.57 17.98
CA ALA A 157 9.92 -22.80 16.81
C ALA A 157 8.42 -22.43 16.78
N HIS A 158 7.56 -23.36 17.19
CA HIS A 158 6.14 -23.08 17.14
C HIS A 158 5.73 -21.99 18.16
N ILE A 159 6.50 -21.84 19.23
CA ILE A 159 6.23 -20.82 20.24
C ILE A 159 6.77 -19.45 19.85
N SER A 160 8.00 -19.40 19.33
CA SER A 160 8.53 -18.13 18.85
C SER A 160 7.67 -17.60 17.71
N GLU A 161 7.22 -18.50 16.83
CA GLU A 161 6.34 -18.13 15.73
C GLU A 161 5.06 -17.48 16.26
N GLN A 162 4.50 -18.08 17.30
CA GLN A 162 3.26 -17.55 17.85
C GLN A 162 3.51 -16.18 18.47
N ALA A 163 4.67 -15.98 19.08
CA ALA A 163 5.03 -14.68 19.65
C ALA A 163 5.19 -13.64 18.52
N VAL A 164 5.77 -14.05 17.40
CA VAL A 164 5.90 -13.20 16.22
C VAL A 164 4.52 -12.75 15.74
N TRP A 165 3.61 -13.71 15.65
CA TRP A 165 2.26 -13.46 15.18
C TRP A 165 1.55 -12.46 16.12
N ALA A 166 1.61 -12.73 17.41
CA ALA A 166 0.98 -11.86 18.40
C ALA A 166 1.50 -10.43 18.32
N LEU A 167 2.81 -10.26 18.19
CA LEU A 167 3.42 -8.94 18.08
C LEU A 167 2.98 -8.23 16.79
N GLY A 168 2.77 -8.99 15.72
CA GLY A 168 2.24 -8.42 14.48
C GLY A 168 0.83 -7.86 14.64
N ASN A 169 -0.03 -8.55 15.37
CA ASN A 169 -1.37 -8.04 15.65
C ASN A 169 -1.36 -6.78 16.51
N ILE A 170 -0.48 -6.77 17.50
CA ILE A 170 -0.33 -5.63 18.36
C ILE A 170 0.16 -4.42 17.55
N ALA A 171 1.26 -4.60 16.82
CA ALA A 171 1.80 -3.52 16.01
C ALA A 171 0.80 -3.07 14.95
N GLY A 172 -0.01 -4.00 14.48
CA GLY A 172 -0.98 -3.77 13.42
C GLY A 172 -2.12 -2.88 13.84
N ASP A 173 -2.27 -2.67 15.14
CA ASP A 173 -3.30 -1.81 15.63
C ASP A 173 -3.09 -0.34 15.19
N GLY A 174 -1.85 0.09 15.07
CA GLY A 174 -1.60 1.47 14.75
C GLY A 174 -0.24 1.94 15.22
N SER A 175 0.07 3.19 14.94
CA SER A 175 1.43 3.69 15.16
C SER A 175 1.86 3.71 16.62
N ALA A 176 0.93 3.97 17.55
CA ALA A 176 1.31 4.00 18.96
C ALA A 176 1.76 2.62 19.46
N PHE A 177 0.95 1.59 19.22
CA PHE A 177 1.34 0.25 19.64
C PHE A 177 2.51 -0.25 18.80
N ARG A 178 2.58 0.16 17.53
CA ARG A 178 3.70 -0.21 16.69
C ARG A 178 4.97 0.32 17.34
N ASP A 179 4.94 1.60 17.71
CA ASP A 179 6.11 2.25 18.29
C ASP A 179 6.40 1.71 19.69
N LEU A 180 5.38 1.27 20.41
CA LEU A 180 5.60 0.70 21.73
C LEU A 180 6.28 -0.68 21.64
N VAL A 181 5.86 -1.48 20.66
CA VAL A 181 6.52 -2.75 20.40
C VAL A 181 8.02 -2.52 20.08
N ILE A 182 8.29 -1.51 19.26
CA ILE A 182 9.67 -1.14 18.94
C ILE A 182 10.45 -0.69 20.18
N LYS A 183 9.85 0.15 21.01
CA LYS A 183 10.53 0.64 22.22
C LYS A 183 10.89 -0.49 23.18
N HIS A 184 10.04 -1.52 23.26
CA HIS A 184 10.31 -2.67 24.10
C HIS A 184 11.42 -3.57 23.51
N GLY A 185 11.92 -3.23 22.33
CA GLY A 185 13.08 -3.91 21.75
C GLY A 185 12.75 -5.13 20.89
N ALA A 186 11.63 -5.09 20.19
CA ALA A 186 11.22 -6.22 19.35
C ALA A 186 12.07 -6.44 18.10
N ILE A 187 12.70 -5.39 17.57
CA ILE A 187 13.29 -5.51 16.23
C ILE A 187 14.50 -6.44 16.21
N ASP A 188 15.44 -6.27 17.12
CA ASP A 188 16.65 -7.11 17.14
C ASP A 188 16.34 -8.60 17.17
N PRO A 189 15.54 -9.04 18.17
CA PRO A 189 15.24 -10.49 18.21
C PRO A 189 14.43 -11.00 17.01
N LEU A 190 13.57 -10.15 16.43
CA LEU A 190 12.86 -10.53 15.22
C LEU A 190 13.82 -10.70 14.05
N LEU A 191 14.73 -9.75 13.88
CA LEU A 191 15.68 -9.81 12.79
C LEU A 191 16.64 -10.98 12.99
N ALA A 192 16.96 -11.30 14.24
CA ALA A 192 17.83 -12.44 14.50
C ALA A 192 17.23 -13.77 13.99
N LEU A 193 15.90 -13.88 13.99
CA LEU A 193 15.25 -15.11 13.52
C LEU A 193 15.44 -15.31 12.02
N LEU A 194 15.79 -14.24 11.33
CA LEU A 194 16.01 -14.31 9.89
C LEU A 194 17.49 -14.25 9.53
N ALA A 195 18.37 -14.36 10.53
CA ALA A 195 19.82 -14.25 10.26
C ALA A 195 20.38 -15.63 10.00
N VAL A 196 20.03 -16.15 8.83
CA VAL A 196 20.43 -17.47 8.39
C VAL A 196 21.04 -17.31 6.99
N PRO A 197 21.92 -18.22 6.60
CA PRO A 197 22.55 -18.08 5.26
C PRO A 197 21.55 -18.09 4.09
N ASP A 198 20.52 -18.91 4.18
CA ASP A 198 19.54 -19.06 3.10
C ASP A 198 18.13 -19.16 3.68
N LEU A 199 17.29 -18.19 3.33
CA LEU A 199 15.92 -18.13 3.86
C LEU A 199 15.13 -19.41 3.60
N SER A 200 15.51 -20.14 2.57
CA SER A 200 14.79 -21.34 2.14
C SER A 200 14.85 -22.50 3.14
N THR A 201 15.76 -22.43 4.11
CA THR A 201 15.85 -23.48 5.11
C THR A 201 14.86 -23.24 6.25
N LEU A 202 14.21 -22.06 6.26
CA LEU A 202 13.19 -21.78 7.25
C LEU A 202 11.86 -22.38 6.80
N ALA A 203 11.07 -22.82 7.76
CA ALA A 203 9.70 -23.25 7.49
C ALA A 203 8.91 -22.12 6.82
N CYS A 204 8.14 -22.49 5.80
CA CYS A 204 7.45 -21.54 4.96
C CYS A 204 6.43 -20.70 5.75
N GLY A 205 5.58 -21.36 6.53
CA GLY A 205 4.60 -20.64 7.34
C GLY A 205 5.27 -19.71 8.33
N TYR A 206 6.38 -20.17 8.92
CA TYR A 206 7.17 -19.39 9.85
C TYR A 206 7.75 -18.12 9.20
N LEU A 207 8.38 -18.25 8.05
CA LEU A 207 8.93 -17.10 7.35
C LEU A 207 7.85 -16.13 6.90
N ARG A 208 6.71 -16.67 6.48
CA ARG A 208 5.58 -15.82 6.11
C ARG A 208 5.06 -14.98 7.27
N ASN A 209 4.99 -15.58 8.47
CA ASN A 209 4.53 -14.86 9.63
C ASN A 209 5.52 -13.78 10.01
N LEU A 210 6.81 -14.09 9.94
CA LEU A 210 7.84 -13.09 10.26
C LEU A 210 7.80 -11.92 9.29
N THR A 211 7.68 -12.20 8.00
CA THR A 211 7.61 -11.15 6.98
C THR A 211 6.40 -10.24 7.24
N TRP A 212 5.25 -10.85 7.52
CA TRP A 212 4.03 -10.12 7.82
C TRP A 212 4.17 -9.20 9.05
N THR A 213 4.76 -9.72 10.12
CA THR A 213 4.95 -8.91 11.31
C THR A 213 5.92 -7.75 11.05
N LEU A 214 6.99 -8.01 10.31
CA LEU A 214 7.92 -6.95 9.97
C LEU A 214 7.24 -5.90 9.15
N SER A 215 6.33 -6.32 8.26
CA SER A 215 5.63 -5.35 7.42
C SER A 215 4.73 -4.45 8.28
N ASN A 216 4.15 -4.98 9.35
CA ASN A 216 3.36 -4.14 10.25
C ASN A 216 4.21 -3.15 11.04
N LEU A 217 5.48 -3.49 11.30
CA LEU A 217 6.37 -2.55 11.96
C LEU A 217 6.75 -1.41 11.02
N CYS A 218 6.59 -1.63 9.71
CA CYS A 218 6.81 -0.62 8.67
C CYS A 218 5.56 0.18 8.34
N ARG A 219 4.40 -0.28 8.83
CA ARG A 219 3.12 0.29 8.44
C ARG A 219 2.67 1.50 9.28
N ASN A 220 1.77 2.29 8.68
CA ASN A 220 1.09 3.45 9.26
C ASN A 220 1.92 4.74 9.30
N LYS A 221 1.20 5.85 9.32
CA LYS A 221 1.79 7.19 9.39
C LYS A 221 1.15 7.95 10.54
N ASN A 222 1.52 9.21 10.68
CA ASN A 222 0.97 10.02 11.75
C ASN A 222 1.24 9.42 13.13
N PRO A 223 2.52 9.11 13.43
CA PRO A 223 3.70 9.29 12.58
C PRO A 223 4.12 7.98 11.88
N ALA A 224 5.01 8.13 10.90
CA ALA A 224 5.69 7.00 10.28
C ALA A 224 6.61 6.40 11.34
N PRO A 225 7.10 5.16 11.10
CA PRO A 225 7.97 4.48 12.06
C PRO A 225 9.25 5.25 12.28
N PRO A 226 9.91 5.03 13.42
CA PRO A 226 11.16 5.77 13.68
C PRO A 226 12.21 5.50 12.61
N LEU A 227 12.92 6.56 12.21
CA LEU A 227 13.90 6.44 11.14
C LEU A 227 14.92 5.34 11.40
N ASP A 228 15.37 5.23 12.65
CA ASP A 228 16.38 4.25 13.00
C ASP A 228 15.84 2.83 12.98
N ALA A 229 14.56 2.66 13.28
CA ALA A 229 13.91 1.35 13.16
C ALA A 229 13.84 0.95 11.67
N VAL A 230 13.44 1.89 10.82
CA VAL A 230 13.39 1.64 9.38
C VAL A 230 14.76 1.27 8.83
N GLU A 231 15.80 2.01 9.21
CA GLU A 231 17.14 1.70 8.72
C GLU A 231 17.56 0.33 9.22
N GLN A 232 17.14 -0.01 10.43
CA GLN A 232 17.47 -1.31 10.99
C GLN A 232 16.80 -2.48 10.25
N ILE A 233 15.55 -2.29 9.86
CA ILE A 233 14.75 -3.32 9.20
C ILE A 233 15.06 -3.48 7.69
N LEU A 234 15.43 -2.37 7.03
CA LEU A 234 15.48 -2.35 5.55
C LEU A 234 16.35 -3.45 4.90
N PRO A 235 17.56 -3.66 5.40
CA PRO A 235 18.41 -4.70 4.83
C PRO A 235 17.76 -6.07 4.82
N THR A 236 17.00 -6.41 5.87
CA THR A 236 16.31 -7.69 5.92
C THR A 236 15.19 -7.70 4.91
N LEU A 237 14.45 -6.60 4.85
CA LEU A 237 13.42 -6.43 3.85
C LEU A 237 13.93 -6.61 2.40
N VAL A 238 15.09 -6.04 2.10
CA VAL A 238 15.64 -6.14 0.76
C VAL A 238 15.87 -7.61 0.41
N ARG A 239 16.38 -8.37 1.39
CA ARG A 239 16.67 -9.78 1.23
CA ARG A 239 16.65 -9.78 1.20
C ARG A 239 15.37 -10.60 1.01
N LEU A 240 14.32 -10.23 1.73
CA LEU A 240 13.04 -10.92 1.60
C LEU A 240 12.43 -10.63 0.24
N LEU A 241 12.72 -9.44 -0.26
CA LEU A 241 12.23 -9.02 -1.57
C LEU A 241 12.81 -9.85 -2.72
N HIS A 242 13.90 -10.58 -2.45
CA HIS A 242 14.52 -11.49 -3.41
C HIS A 242 14.20 -12.95 -3.14
N HIS A 243 13.31 -13.20 -2.18
CA HIS A 243 12.89 -14.56 -1.89
C HIS A 243 11.91 -15.06 -2.96
N ASN A 244 11.72 -16.37 -3.05
CA ASN A 244 10.91 -16.95 -4.14
C ASN A 244 9.44 -17.26 -3.75
N ASP A 245 9.10 -17.17 -2.48
CA ASP A 245 7.72 -17.44 -2.07
C ASP A 245 6.81 -16.24 -2.42
N PRO A 246 5.71 -16.46 -3.17
CA PRO A 246 4.85 -15.34 -3.55
C PRO A 246 4.27 -14.54 -2.37
N GLU A 247 3.94 -15.21 -1.28
CA GLU A 247 3.38 -14.52 -0.13
C GLU A 247 4.43 -13.66 0.60
N VAL A 248 5.65 -14.16 0.73
CA VAL A 248 6.72 -13.37 1.32
C VAL A 248 7.00 -12.15 0.43
N LEU A 249 7.03 -12.40 -0.88
CA LEU A 249 7.24 -11.33 -1.84
C LEU A 249 6.15 -10.28 -1.75
N ALA A 250 4.90 -10.72 -1.69
CA ALA A 250 3.79 -9.78 -1.58
C ALA A 250 3.89 -8.90 -0.33
N ASP A 251 4.15 -9.51 0.83
CA ASP A 251 4.18 -8.76 2.08
C ASP A 251 5.42 -7.86 2.17
N SER A 252 6.54 -8.32 1.61
CA SER A 252 7.75 -7.49 1.48
C SER A 252 7.51 -6.25 0.65
N CYS A 253 6.88 -6.44 -0.50
CA CYS A 253 6.46 -5.32 -1.33
C CYS A 253 5.53 -4.37 -0.63
N TRP A 254 4.55 -4.89 0.11
CA TRP A 254 3.67 -4.02 0.87
C TRP A 254 4.47 -3.20 1.87
N ALA A 255 5.42 -3.83 2.55
CA ALA A 255 6.26 -3.12 3.51
C ALA A 255 7.01 -1.96 2.84
N ILE A 256 7.55 -2.21 1.64
CA ILE A 256 8.28 -1.19 0.90
C ILE A 256 7.34 -0.08 0.45
N SER A 257 6.11 -0.45 0.12
CA SER A 257 5.09 0.53 -0.24
C SER A 257 4.77 1.44 0.96
N TYR A 258 4.77 0.90 2.17
CA TYR A 258 4.48 1.73 3.34
C TYR A 258 5.62 2.73 3.55
N LEU A 259 6.85 2.25 3.41
CA LEU A 259 8.02 3.05 3.69
C LEU A 259 8.24 4.16 2.66
N THR A 260 7.70 3.98 1.45
CA THR A 260 7.82 4.98 0.36
C THR A 260 6.63 5.93 0.35
N ASP A 261 5.65 5.66 1.19
CA ASP A 261 4.47 6.51 1.34
C ASP A 261 4.77 7.62 2.35
N GLY A 262 5.48 8.67 1.91
CA GLY A 262 5.81 9.78 2.79
C GLY A 262 6.63 10.82 2.08
N PRO A 263 7.31 11.71 2.82
CA PRO A 263 8.19 12.72 2.21
C PRO A 263 9.44 12.13 1.54
N ASN A 264 10.10 12.95 0.73
CA ASN A 264 11.19 12.48 -0.14
C ASN A 264 12.33 11.82 0.62
N GLU A 265 12.52 12.28 1.86
CA GLU A 265 13.58 11.74 2.71
C GLU A 265 13.30 10.28 3.03
N ARG A 266 12.03 9.93 3.16
CA ARG A 266 11.65 8.54 3.38
C ARG A 266 11.85 7.70 2.12
N ILE A 267 11.41 8.23 0.97
CA ILE A 267 11.61 7.56 -0.32
C ILE A 267 13.10 7.28 -0.53
N GLU A 268 13.93 8.28 -0.20
CA GLU A 268 15.38 8.19 -0.43
C GLU A 268 16.03 7.03 0.32
N MET A 269 15.64 6.85 1.58
CA MET A 269 16.12 5.71 2.37
C MET A 269 15.93 4.38 1.65
N VAL A 270 14.77 4.22 1.01
CA VAL A 270 14.49 3.00 0.24
C VAL A 270 15.28 2.99 -1.07
N VAL A 271 15.15 4.06 -1.85
CA VAL A 271 15.83 4.12 -3.14
C VAL A 271 17.35 3.87 -2.99
N LYS A 272 17.96 4.46 -1.96
CA LYS A 272 19.39 4.26 -1.67
C LYS A 272 19.76 2.80 -1.53
N LYS A 273 18.84 1.96 -1.08
CA LYS A 273 19.14 0.53 -0.88
C LYS A 273 19.19 -0.27 -2.20
N GLY A 274 18.90 0.39 -3.32
CA GLY A 274 19.02 -0.24 -4.62
C GLY A 274 17.91 -1.20 -4.99
N VAL A 275 16.74 -1.08 -4.34
CA VAL A 275 15.63 -1.99 -4.58
C VAL A 275 14.76 -1.72 -5.82
N VAL A 276 14.87 -0.54 -6.43
CA VAL A 276 13.99 -0.17 -7.55
C VAL A 276 14.02 -1.19 -8.70
N PRO A 277 15.21 -1.66 -9.11
CA PRO A 277 15.16 -2.68 -10.16
C PRO A 277 14.40 -3.95 -9.78
N GLN A 278 14.53 -4.40 -8.53
CA GLN A 278 13.78 -5.56 -8.09
C GLN A 278 12.29 -5.26 -8.10
N LEU A 279 11.91 -4.05 -7.68
CA LEU A 279 10.50 -3.64 -7.73
C LEU A 279 9.93 -3.66 -9.14
N VAL A 280 10.71 -3.20 -10.11
CA VAL A 280 10.32 -3.21 -11.51
C VAL A 280 10.19 -4.64 -12.00
N LYS A 281 11.10 -5.52 -11.58
CA LYS A 281 10.95 -6.95 -11.89
C LYS A 281 9.64 -7.49 -11.30
N LEU A 282 9.35 -7.15 -10.04
CA LEU A 282 8.14 -7.67 -9.43
C LEU A 282 6.89 -7.09 -10.10
N LEU A 283 7.02 -5.88 -10.64
CA LEU A 283 5.95 -5.21 -11.35
C LEU A 283 5.48 -6.03 -12.54
N GLY A 284 6.39 -6.83 -13.09
CA GLY A 284 6.06 -7.68 -14.21
C GLY A 284 5.62 -9.08 -13.83
N ALA A 285 5.45 -9.34 -12.54
CA ALA A 285 5.07 -10.68 -12.09
C ALA A 285 3.67 -11.06 -12.58
N THR A 286 3.37 -12.35 -12.55
CA THR A 286 2.06 -12.82 -13.01
C THR A 286 1.04 -12.72 -11.87
N GLU A 287 1.48 -12.96 -10.64
CA GLU A 287 0.59 -12.87 -9.47
C GLU A 287 0.18 -11.42 -9.15
N LEU A 288 -1.11 -11.15 -9.29
CA LEU A 288 -1.71 -9.87 -8.90
C LEU A 288 -1.36 -9.41 -7.48
N PRO A 289 -1.27 -10.35 -6.51
CA PRO A 289 -0.90 -9.93 -5.15
C PRO A 289 0.54 -9.41 -5.03
N ILE A 290 1.36 -9.68 -6.02
CA ILE A 290 2.71 -9.14 -6.06
C ILE A 290 2.69 -7.83 -6.84
N VAL A 291 2.07 -7.82 -8.02
CA VAL A 291 2.01 -6.61 -8.84
C VAL A 291 1.36 -5.43 -8.13
N THR A 292 0.32 -5.69 -7.34
CA THR A 292 -0.38 -4.60 -6.67
C THR A 292 0.53 -3.79 -5.73
N PRO A 293 1.22 -4.46 -4.78
CA PRO A 293 2.11 -3.68 -3.91
C PRO A 293 3.39 -3.19 -4.62
N ALA A 294 3.87 -3.91 -5.62
CA ALA A 294 5.02 -3.42 -6.39
C ALA A 294 4.70 -2.11 -7.10
N LEU A 295 3.51 -2.05 -7.70
CA LEU A 295 3.06 -0.86 -8.39
C LEU A 295 2.79 0.31 -7.43
N ARG A 296 2.19 0.02 -6.28
CA ARG A 296 2.00 1.04 -5.26
C ARG A 296 3.35 1.65 -4.84
N ALA A 297 4.35 0.81 -4.64
CA ALA A 297 5.66 1.28 -4.22
C ALA A 297 6.30 2.14 -5.31
N ILE A 298 6.25 1.68 -6.56
CA ILE A 298 6.77 2.46 -7.68
C ILE A 298 6.03 3.80 -7.79
N GLY A 299 4.69 3.76 -7.69
CA GLY A 299 3.90 4.98 -7.71
C GLY A 299 4.28 5.95 -6.61
N ASN A 300 4.57 5.43 -5.42
CA ASN A 300 4.98 6.26 -4.29
C ASN A 300 6.32 6.94 -4.58
N ILE A 301 7.25 6.18 -5.12
CA ILE A 301 8.56 6.69 -5.42
C ILE A 301 8.53 7.84 -6.45
N VAL A 302 7.66 7.77 -7.45
CA VAL A 302 7.62 8.84 -8.44
C VAL A 302 6.87 10.07 -7.94
N THR A 303 6.32 10.03 -6.73
CA THR A 303 5.83 11.27 -6.13
C THR A 303 6.99 12.08 -5.54
N GLY A 304 8.19 11.52 -5.54
CA GLY A 304 9.34 12.17 -4.96
C GLY A 304 9.98 13.16 -5.93
N THR A 305 11.30 13.19 -5.92
CA THR A 305 12.05 14.12 -6.76
C THR A 305 12.21 13.56 -8.18
N ASP A 306 12.55 14.46 -9.10
CA ASP A 306 12.80 14.07 -10.47
C ASP A 306 13.94 13.07 -10.53
N GLU A 307 14.93 13.22 -9.64
CA GLU A 307 16.04 12.26 -9.59
C GLU A 307 15.57 10.87 -9.10
N GLN A 308 14.63 10.85 -8.16
CA GLN A 308 14.07 9.60 -7.66
C GLN A 308 13.21 8.96 -8.75
N THR A 309 12.36 9.75 -9.39
CA THR A 309 11.59 9.30 -10.53
C THR A 309 12.48 8.72 -11.63
N GLN A 310 13.63 9.35 -11.87
CA GLN A 310 14.54 8.88 -12.93
C GLN A 310 15.08 7.49 -12.65
N LYS A 311 15.24 7.14 -11.38
CA LYS A 311 15.71 5.81 -11.00
C LYS A 311 14.71 4.74 -11.45
N VAL A 312 13.42 5.07 -11.38
CA VAL A 312 12.37 4.16 -11.83
C VAL A 312 12.43 3.99 -13.36
N ILE A 313 12.58 5.10 -14.08
CA ILE A 313 12.73 5.05 -15.53
C ILE A 313 13.98 4.27 -15.91
N ASP A 314 15.13 4.63 -15.32
CA ASP A 314 16.39 3.91 -15.59
C ASP A 314 16.26 2.41 -15.37
N ALA A 315 15.45 2.02 -14.39
CA ALA A 315 15.29 0.60 -14.04
C ALA A 315 14.42 -0.16 -15.06
N GLY A 316 13.80 0.57 -15.98
CA GLY A 316 13.02 -0.02 -17.05
C GLY A 316 11.51 -0.08 -16.83
N ALA A 317 10.98 0.70 -15.90
CA ALA A 317 9.58 0.57 -15.51
C ALA A 317 8.62 0.84 -16.65
N LEU A 318 8.97 1.77 -17.52
CA LEU A 318 8.02 2.24 -18.53
C LEU A 318 7.61 1.13 -19.50
N ALA A 319 8.50 0.15 -19.70
CA ALA A 319 8.25 -0.91 -20.66
C ALA A 319 7.14 -1.85 -20.19
N VAL A 320 6.78 -1.75 -18.92
CA VAL A 320 5.72 -2.58 -18.35
C VAL A 320 4.36 -1.88 -18.48
N PHE A 321 4.35 -0.59 -18.73
CA PHE A 321 3.10 0.17 -18.73
C PHE A 321 2.07 -0.15 -19.83
N PRO A 322 2.52 -0.61 -21.01
CA PRO A 322 1.48 -1.07 -21.95
C PRO A 322 0.54 -2.10 -21.33
N SER A 323 1.08 -3.08 -20.61
CA SER A 323 0.25 -4.06 -19.90
C SER A 323 -0.55 -3.49 -18.72
N LEU A 324 0.12 -2.68 -17.90
CA LEU A 324 -0.51 -2.13 -16.69
C LEU A 324 -1.66 -1.21 -17.06
N LEU A 325 -1.47 -0.43 -18.11
CA LEU A 325 -2.51 0.54 -18.53
C LEU A 325 -3.67 -0.13 -19.29
N THR A 326 -3.52 -1.41 -19.61
CA THR A 326 -4.63 -2.17 -20.18
C THR A 326 -5.00 -3.36 -19.27
N ASN A 327 -4.53 -3.34 -18.03
CA ASN A 327 -4.70 -4.48 -17.13
C ASN A 327 -6.19 -4.70 -16.84
N PRO A 328 -6.64 -5.96 -16.87
CA PRO A 328 -8.05 -6.22 -16.61
C PRO A 328 -8.50 -5.88 -15.17
N LYS A 329 -7.58 -5.78 -14.22
CA LYS A 329 -7.94 -5.32 -12.86
C LYS A 329 -7.97 -3.80 -12.78
N THR A 330 -9.13 -3.22 -12.48
CA THR A 330 -9.28 -1.78 -12.59
C THR A 330 -8.36 -1.02 -11.62
N ASN A 331 -8.14 -1.53 -10.42
N ASN A 331 -8.17 -1.57 -10.43
CA ASN A 331 -7.27 -0.84 -9.49
CA ASN A 331 -7.23 -1.04 -9.42
C ASN A 331 -5.82 -0.79 -9.99
C ASN A 331 -5.86 -0.80 -10.03
N ILE A 332 -5.39 -1.78 -10.78
CA ILE A 332 -4.08 -1.73 -11.40
C ILE A 332 -4.05 -0.62 -12.47
N GLN A 333 -5.09 -0.55 -13.31
CA GLN A 333 -5.17 0.50 -14.32
C GLN A 333 -5.14 1.87 -13.67
N LYS A 334 -5.98 2.04 -12.65
CA LYS A 334 -6.05 3.28 -11.91
C LYS A 334 -4.67 3.68 -11.34
N GLU A 335 -4.01 2.75 -10.67
CA GLU A 335 -2.73 3.05 -10.04
C GLU A 335 -1.61 3.24 -11.05
N ALA A 336 -1.66 2.51 -12.16
CA ALA A 336 -0.70 2.72 -13.23
C ALA A 336 -0.86 4.12 -13.83
N THR A 337 -2.09 4.58 -13.99
CA THR A 337 -2.35 5.87 -14.60
C THR A 337 -1.96 6.98 -13.61
N TRP A 338 -2.24 6.76 -12.33
CA TRP A 338 -1.81 7.68 -11.29
C TRP A 338 -0.28 7.84 -11.35
N THR A 339 0.43 6.72 -11.41
CA THR A 339 1.88 6.71 -11.55
C THR A 339 2.36 7.50 -12.79
N MET A 340 1.72 7.24 -13.93
CA MET A 340 2.01 7.98 -15.16
C MET A 340 1.86 9.49 -14.97
N SER A 341 0.82 9.91 -14.25
CA SER A 341 0.57 11.33 -14.02
C SER A 341 1.69 12.02 -13.26
N ASN A 342 2.36 11.29 -12.37
CA ASN A 342 3.49 11.83 -11.65
C ASN A 342 4.79 11.73 -12.42
N ILE A 343 4.81 10.90 -13.45
CA ILE A 343 5.92 10.88 -14.37
C ILE A 343 5.76 12.03 -15.38
N THR A 344 4.55 12.28 -15.87
CA THR A 344 4.37 13.40 -16.78
C THR A 344 4.45 14.77 -16.09
N ALA A 345 4.59 14.77 -14.76
CA ALA A 345 4.75 16.02 -14.01
C ALA A 345 6.23 16.33 -13.82
N GLY A 346 7.09 15.47 -14.35
CA GLY A 346 8.52 15.67 -14.28
C GLY A 346 9.11 16.49 -15.42
N ARG A 347 10.40 16.23 -15.69
CA ARG A 347 11.21 16.96 -16.65
C ARG A 347 10.91 16.59 -18.11
N GLN A 348 11.23 17.48 -19.03
CA GLN A 348 10.90 17.27 -20.44
C GLN A 348 11.59 16.04 -20.98
N ASP A 349 12.80 15.75 -20.51
CA ASP A 349 13.48 14.53 -20.91
C ASP A 349 12.77 13.27 -20.38
N GLN A 350 11.97 13.44 -19.32
CA GLN A 350 11.24 12.31 -18.71
C GLN A 350 9.94 12.13 -19.46
N ILE A 351 9.28 13.24 -19.78
CA ILE A 351 8.15 13.21 -20.70
C ILE A 351 8.55 12.55 -22.02
N GLN A 352 9.76 12.81 -22.50
CA GLN A 352 10.20 12.25 -23.77
C GLN A 352 10.33 10.74 -23.69
N GLN A 353 10.68 10.23 -22.52
CA GLN A 353 10.78 8.80 -22.33
C GLN A 353 9.40 8.16 -22.38
N VAL A 354 8.40 8.87 -21.85
CA VAL A 354 7.03 8.42 -21.92
C VAL A 354 6.64 8.28 -23.41
N VAL A 355 6.96 9.32 -24.19
CA VAL A 355 6.72 9.34 -25.62
C VAL A 355 7.45 8.20 -26.31
N ASN A 356 8.73 8.02 -26.01
CA ASN A 356 9.52 7.01 -26.71
C ASN A 356 9.05 5.57 -26.46
N HIS A 357 8.55 5.32 -25.25
CA HIS A 357 8.05 4.00 -24.85
C HIS A 357 6.65 3.73 -25.42
N GLY A 358 6.11 4.68 -26.17
CA GLY A 358 4.85 4.48 -26.86
C GLY A 358 3.64 4.60 -25.97
N LEU A 359 3.76 5.36 -24.88
CA LEU A 359 2.76 5.36 -23.83
C LEU A 359 1.66 6.39 -24.02
N VAL A 360 1.86 7.37 -24.90
CA VAL A 360 0.81 8.38 -25.11
C VAL A 360 -0.49 7.73 -25.67
N PRO A 361 -0.37 6.87 -26.68
CA PRO A 361 -1.58 6.16 -27.18
C PRO A 361 -2.28 5.37 -26.08
N PHE A 362 -1.52 4.82 -25.13
CA PHE A 362 -2.14 4.13 -24.01
C PHE A 362 -2.88 5.10 -23.11
N LEU A 363 -2.35 6.31 -22.95
CA LEU A 363 -3.07 7.34 -22.19
C LEU A 363 -4.35 7.78 -22.92
N VAL A 364 -4.27 7.90 -24.24
CA VAL A 364 -5.46 8.23 -25.03
C VAL A 364 -6.50 7.12 -24.86
N GLY A 365 -6.01 5.88 -24.79
CA GLY A 365 -6.87 4.73 -24.62
C GLY A 365 -7.62 4.76 -23.30
N VAL A 366 -6.89 5.01 -22.23
CA VAL A 366 -7.52 5.09 -20.91
C VAL A 366 -8.48 6.27 -20.82
N LEU A 367 -8.08 7.41 -21.37
CA LEU A 367 -8.98 8.55 -21.41
C LEU A 367 -10.27 8.23 -22.21
N SER A 368 -10.14 7.45 -23.28
CA SER A 368 -11.28 7.08 -24.13
C SER A 368 -12.24 6.10 -23.48
N LYS A 369 -11.70 5.15 -22.71
CA LYS A 369 -12.51 4.11 -22.10
C LYS A 369 -11.81 3.52 -20.90
N ALA A 370 -12.38 3.73 -19.73
CA ALA A 370 -11.86 3.18 -18.49
C ALA A 370 -12.86 3.45 -17.41
N ASP A 371 -12.64 2.82 -16.26
CA ASP A 371 -13.36 3.21 -15.08
C ASP A 371 -13.13 4.71 -14.86
N PHE A 372 -14.16 5.41 -14.40
CA PHE A 372 -14.10 6.87 -14.29
C PHE A 372 -12.96 7.38 -13.42
N LYS A 373 -12.65 6.67 -12.35
CA LYS A 373 -11.58 7.12 -11.49
C LYS A 373 -10.22 7.05 -12.22
N THR A 374 -10.09 6.06 -13.10
CA THR A 374 -8.90 5.92 -13.94
C THR A 374 -8.85 7.08 -14.96
N GLN A 375 -9.99 7.37 -15.58
CA GLN A 375 -10.09 8.46 -16.54
C GLN A 375 -9.68 9.78 -15.91
N LYS A 376 -10.02 9.94 -14.64
CA LYS A 376 -9.64 11.15 -13.90
C LYS A 376 -8.12 11.22 -13.71
N GLU A 377 -7.49 10.10 -13.37
CA GLU A 377 -6.03 10.08 -13.29
C GLU A 377 -5.40 10.36 -14.64
N ALA A 378 -6.06 9.92 -15.73
CA ALA A 378 -5.51 10.12 -17.07
C ALA A 378 -5.57 11.59 -17.43
N ALA A 379 -6.67 12.23 -17.09
CA ALA A 379 -6.80 13.67 -17.31
C ALA A 379 -5.67 14.43 -16.61
N TRP A 380 -5.38 14.06 -15.36
CA TRP A 380 -4.24 14.62 -14.63
C TRP A 380 -2.93 14.39 -15.35
N ALA A 381 -2.75 13.17 -15.85
CA ALA A 381 -1.53 12.85 -16.58
C ALA A 381 -1.39 13.77 -17.81
N ILE A 382 -2.52 14.09 -18.44
CA ILE A 382 -2.54 14.95 -19.62
C ILE A 382 -2.26 16.42 -19.28
N THR A 383 -2.92 16.94 -18.25
CA THR A 383 -2.66 18.30 -17.82
C THR A 383 -1.20 18.47 -17.38
N ASN A 384 -0.67 17.49 -16.65
CA ASN A 384 0.73 17.56 -16.28
C ASN A 384 1.63 17.57 -17.49
N TYR A 385 1.35 16.66 -18.44
CA TYR A 385 2.14 16.55 -19.66
C TYR A 385 2.18 17.91 -20.37
N THR A 386 1.01 18.53 -20.52
CA THR A 386 0.87 19.78 -21.26
C THR A 386 1.46 20.99 -20.52
N SER A 387 1.38 20.97 -19.19
CA SER A 387 2.04 21.97 -18.36
C SER A 387 3.54 21.98 -18.55
N GLY A 388 4.15 20.81 -18.57
CA GLY A 388 5.59 20.73 -18.55
C GLY A 388 6.25 20.42 -19.88
N GLY A 389 5.46 20.05 -20.88
CA GLY A 389 6.03 19.57 -22.14
C GLY A 389 6.52 20.65 -23.12
N THR A 390 7.42 20.29 -24.02
CA THR A 390 7.76 21.18 -25.12
C THR A 390 6.58 21.30 -26.07
N VAL A 391 6.65 22.28 -26.97
CA VAL A 391 5.62 22.47 -27.99
C VAL A 391 5.49 21.21 -28.87
N GLU A 392 6.62 20.61 -29.20
N GLU A 392 6.61 20.64 -29.26
CA GLU A 392 6.67 19.44 -30.06
CA GLU A 392 6.63 19.43 -30.05
C GLU A 392 6.04 18.20 -29.39
C GLU A 392 5.86 18.31 -29.34
N GLN A 393 6.19 18.11 -28.07
CA GLN A 393 5.61 17.02 -27.28
C GLN A 393 4.11 17.20 -27.22
N ILE A 394 3.70 18.45 -27.09
CA ILE A 394 2.27 18.77 -27.01
C ILE A 394 1.55 18.53 -28.34
N VAL A 395 2.22 18.88 -29.43
CA VAL A 395 1.73 18.61 -30.78
C VAL A 395 1.51 17.11 -30.98
N TYR A 396 2.51 16.34 -30.56
CA TYR A 396 2.48 14.89 -30.66
C TYR A 396 1.24 14.33 -29.98
N LEU A 397 0.90 14.89 -28.83
CA LEU A 397 -0.27 14.51 -28.07
C LEU A 397 -1.56 14.65 -28.88
N VAL A 398 -1.69 15.80 -29.56
CA VAL A 398 -2.85 16.04 -30.41
C VAL A 398 -2.87 15.03 -31.57
N HIS A 399 -1.71 14.80 -32.17
CA HIS A 399 -1.63 13.84 -33.27
C HIS A 399 -2.00 12.41 -32.83
N CYS A 400 -1.87 12.11 -31.53
CA CYS A 400 -2.23 10.78 -31.02
C CYS A 400 -3.70 10.65 -30.79
N GLY A 401 -4.40 11.78 -30.90
CA GLY A 401 -5.85 11.80 -30.78
C GLY A 401 -6.37 12.18 -29.41
N ILE A 402 -5.63 12.99 -28.66
CA ILE A 402 -6.09 13.33 -27.32
C ILE A 402 -7.39 14.14 -27.27
N ILE A 403 -7.66 14.92 -28.32
CA ILE A 403 -8.70 15.95 -28.25
C ILE A 403 -10.10 15.38 -28.08
N GLU A 404 -10.50 14.45 -28.94
CA GLU A 404 -11.86 13.95 -28.83
C GLU A 404 -12.18 13.34 -27.45
N PRO A 405 -11.36 12.41 -26.93
CA PRO A 405 -11.71 11.82 -25.62
C PRO A 405 -11.63 12.83 -24.48
N LEU A 406 -10.77 13.85 -24.56
CA LEU A 406 -10.78 14.94 -23.59
C LEU A 406 -12.11 15.68 -23.63
N MET A 407 -12.54 16.06 -24.83
CA MET A 407 -13.82 16.74 -25.00
C MET A 407 -14.96 15.91 -24.47
N ASN A 408 -14.96 14.61 -24.77
CA ASN A 408 -16.04 13.75 -24.31
C ASN A 408 -16.14 13.69 -22.79
N LEU A 409 -15.02 13.91 -22.11
CA LEU A 409 -15.01 13.87 -20.66
C LEU A 409 -15.57 15.16 -20.04
N LEU A 410 -15.81 16.19 -20.85
CA LEU A 410 -16.30 17.45 -20.32
C LEU A 410 -17.75 17.32 -19.85
N SER A 411 -18.43 16.27 -20.31
CA SER A 411 -19.81 16.02 -19.90
C SER A 411 -19.90 15.32 -18.54
N ALA A 412 -18.77 15.18 -17.87
CA ALA A 412 -18.74 14.52 -16.58
C ALA A 412 -19.35 15.43 -15.52
N LYS A 413 -20.10 14.84 -14.60
CA LYS A 413 -20.69 15.59 -13.47
C LYS A 413 -19.72 15.62 -12.30
N ASP A 414 -18.43 15.82 -12.61
CA ASP A 414 -17.39 15.92 -11.60
C ASP A 414 -16.68 17.23 -11.85
N THR A 415 -16.73 18.13 -10.87
CA THR A 415 -16.25 19.49 -11.12
C THR A 415 -14.73 19.54 -11.28
N LYS A 416 -14.00 18.68 -10.57
CA LYS A 416 -12.54 18.78 -10.61
C LYS A 416 -11.93 18.30 -11.94
N ILE A 417 -12.47 17.24 -12.53
CA ILE A 417 -11.93 16.77 -13.80
C ILE A 417 -12.16 17.82 -14.89
N ILE A 418 -13.27 18.54 -14.79
CA ILE A 418 -13.60 19.59 -15.75
C ILE A 418 -12.55 20.69 -15.69
N GLN A 419 -12.21 21.11 -14.48
CA GLN A 419 -11.17 22.11 -14.31
C GLN A 419 -9.87 21.62 -14.94
N VAL A 420 -9.48 20.39 -14.58
CA VAL A 420 -8.25 19.76 -15.09
C VAL A 420 -8.20 19.71 -16.64
N ILE A 421 -9.32 19.34 -17.25
CA ILE A 421 -9.37 19.22 -18.71
C ILE A 421 -9.29 20.60 -19.37
N LEU A 422 -10.07 21.54 -18.87
CA LEU A 422 -10.02 22.92 -19.33
C LEU A 422 -8.60 23.47 -19.26
N ASP A 423 -7.89 23.15 -18.18
CA ASP A 423 -6.48 23.54 -18.06
C ASP A 423 -5.62 22.93 -19.14
N ALA A 424 -5.93 21.69 -19.53
CA ALA A 424 -5.14 21.01 -20.54
C ALA A 424 -5.34 21.70 -21.88
N ILE A 425 -6.59 21.99 -22.20
CA ILE A 425 -6.96 22.67 -23.43
C ILE A 425 -6.24 24.02 -23.55
N SER A 426 -6.25 24.77 -22.46
CA SER A 426 -5.55 26.04 -22.43
C SER A 426 -4.08 25.85 -22.78
N ASN A 427 -3.43 24.88 -22.14
CA ASN A 427 -2.02 24.65 -22.41
C ASN A 427 -1.78 24.19 -23.84
N ILE A 428 -2.72 23.44 -24.39
CA ILE A 428 -2.56 22.96 -25.76
C ILE A 428 -2.74 24.13 -26.71
N PHE A 429 -3.74 24.98 -26.43
CA PHE A 429 -3.93 26.20 -27.20
C PHE A 429 -2.68 27.06 -27.14
N GLN A 430 -2.21 27.30 -25.91
CA GLN A 430 -0.98 28.05 -25.70
C GLN A 430 0.14 27.59 -26.62
N ALA A 431 0.21 26.29 -26.87
CA ALA A 431 1.27 25.72 -27.70
C ALA A 431 0.98 25.97 -29.19
N ALA A 432 -0.29 25.95 -29.56
CA ALA A 432 -0.69 26.18 -30.95
C ALA A 432 -0.44 27.62 -31.36
N GLU A 433 -0.69 28.55 -30.42
CA GLU A 433 -0.32 29.96 -30.58
C GLU A 433 1.15 30.16 -30.99
N LYS A 434 2.06 29.55 -30.24
CA LYS A 434 3.49 29.63 -30.56
C LYS A 434 3.79 29.13 -31.97
N LEU A 435 2.89 28.35 -32.54
CA LEU A 435 3.05 27.83 -33.91
C LEU A 435 2.14 28.58 -34.89
N GLY A 436 1.23 29.39 -34.37
CA GLY A 436 0.20 30.03 -35.16
C GLY A 436 -0.70 29.01 -35.84
N GLU A 437 -1.27 28.11 -35.03
CA GLU A 437 -2.14 27.05 -35.52
C GLU A 437 -3.40 26.95 -34.67
N THR A 438 -3.76 28.05 -34.02
CA THR A 438 -4.87 28.03 -33.08
C THR A 438 -6.21 27.79 -33.78
N GLU A 439 -6.32 28.20 -35.04
CA GLU A 439 -7.56 28.03 -35.79
C GLU A 439 -7.78 26.55 -36.15
N LYS A 440 -6.72 25.87 -36.57
CA LYS A 440 -6.81 24.43 -36.86
C LYS A 440 -7.28 23.67 -35.61
N LEU A 441 -6.74 24.05 -34.46
CA LEU A 441 -7.13 23.42 -33.20
C LEU A 441 -8.59 23.71 -32.84
N SER A 442 -9.03 24.95 -33.08
CA SER A 442 -10.40 25.35 -32.79
C SER A 442 -11.39 24.51 -33.57
N ILE A 443 -11.09 24.26 -34.84
CA ILE A 443 -11.97 23.47 -35.69
C ILE A 443 -12.09 22.05 -35.18
N MET A 444 -10.94 21.44 -34.87
CA MET A 444 -10.91 20.09 -34.32
C MET A 444 -11.84 19.99 -33.12
N ILE A 445 -11.69 20.92 -32.19
CA ILE A 445 -12.53 20.94 -31.00
C ILE A 445 -13.98 21.17 -31.41
N GLU A 446 -14.16 22.03 -32.42
CA GLU A 446 -15.48 22.32 -32.97
C GLU A 446 -16.11 21.06 -33.59
N GLU A 447 -15.31 20.33 -34.35
CA GLU A 447 -15.82 19.21 -35.17
C GLU A 447 -16.22 17.98 -34.36
N CYS A 448 -15.73 17.85 -33.14
CA CYS A 448 -16.02 16.68 -32.32
C CYS A 448 -16.97 17.00 -31.17
N GLY A 449 -17.56 18.19 -31.21
CA GLY A 449 -18.56 18.59 -30.23
C GLY A 449 -17.98 19.29 -29.02
N GLY A 450 -16.69 19.61 -29.08
CA GLY A 450 -16.00 20.20 -27.95
C GLY A 450 -16.51 21.59 -27.62
N LEU A 451 -16.80 22.36 -28.65
CA LEU A 451 -17.20 23.75 -28.47
C LEU A 451 -18.55 23.85 -27.77
N ASP A 452 -19.49 22.98 -28.16
CA ASP A 452 -20.80 22.92 -27.53
C ASP A 452 -20.67 22.72 -26.03
N LYS A 453 -19.67 21.93 -25.62
CA LYS A 453 -19.46 21.65 -24.21
C LYS A 453 -18.82 22.83 -23.49
N ILE A 454 -17.86 23.47 -24.14
CA ILE A 454 -17.14 24.57 -23.52
C ILE A 454 -18.04 25.80 -23.40
N GLU A 455 -18.85 26.07 -24.43
CA GLU A 455 -19.77 27.19 -24.41
C GLU A 455 -20.80 26.99 -23.30
N ALA A 456 -21.35 25.78 -23.25
CA ALA A 456 -22.35 25.43 -22.24
C ALA A 456 -21.79 25.47 -20.82
N LEU A 457 -20.48 25.36 -20.69
CA LEU A 457 -19.82 25.40 -19.39
C LEU A 457 -19.60 26.83 -18.90
N GLN A 458 -19.80 27.79 -19.80
CA GLN A 458 -19.70 29.20 -19.43
C GLN A 458 -20.75 29.52 -18.36
N ARG A 459 -21.88 28.82 -18.43
CA ARG A 459 -22.96 28.94 -17.45
C ARG A 459 -22.92 27.76 -16.47
N HIS A 460 -21.83 27.68 -15.70
CA HIS A 460 -21.61 26.56 -14.77
C HIS A 460 -21.51 27.05 -13.33
N GLU A 461 -22.09 26.29 -12.41
CA GLU A 461 -22.10 26.62 -10.97
C GLU A 461 -20.75 27.09 -10.46
N ASN A 462 -19.70 26.30 -10.70
CA ASN A 462 -18.37 26.65 -10.23
C ASN A 462 -17.84 27.93 -10.89
N GLU A 463 -17.01 28.65 -10.15
CA GLU A 463 -16.51 29.95 -10.60
C GLU A 463 -15.40 29.81 -11.63
N SER A 464 -14.28 29.21 -11.22
CA SER A 464 -13.09 29.09 -12.07
C SER A 464 -13.35 28.26 -13.33
N VAL A 465 -14.39 27.43 -13.29
CA VAL A 465 -14.85 26.67 -14.46
C VAL A 465 -15.44 27.62 -15.49
N TYR A 466 -16.48 28.35 -15.09
CA TYR A 466 -17.13 29.32 -15.95
C TYR A 466 -16.10 30.33 -16.45
N LYS A 467 -15.19 30.70 -15.57
CA LYS A 467 -14.10 31.61 -15.92
C LYS A 467 -13.29 31.08 -17.08
N ALA A 468 -12.78 29.85 -16.92
CA ALA A 468 -11.94 29.22 -17.93
C ALA A 468 -12.71 28.97 -19.23
N SER A 469 -13.97 28.57 -19.09
CA SER A 469 -14.83 28.36 -20.25
C SER A 469 -14.93 29.64 -21.09
N LEU A 470 -15.44 30.70 -20.46
CA LEU A 470 -15.64 31.99 -21.14
C LEU A 470 -14.33 32.48 -21.74
N ASN A 471 -13.26 32.37 -20.98
CA ASN A 471 -11.92 32.72 -21.45
C ASN A 471 -11.58 32.01 -22.76
N LEU A 472 -11.74 30.68 -22.77
CA LEU A 472 -11.41 29.88 -23.96
C LEU A 472 -12.25 30.34 -25.14
N ILE A 473 -13.55 30.50 -24.89
CA ILE A 473 -14.52 30.90 -25.91
C ILE A 473 -14.12 32.21 -26.60
N GLU A 474 -13.93 33.26 -25.82
CA GLU A 474 -13.65 34.57 -26.36
C GLU A 474 -12.23 34.67 -26.92
N LYS A 475 -11.29 33.94 -26.32
CA LYS A 475 -9.90 34.01 -26.75
C LYS A 475 -9.67 33.24 -28.07
N TYR A 476 -10.49 32.21 -28.33
CA TYR A 476 -10.24 31.30 -29.46
C TYR A 476 -11.47 30.95 -30.30
N PHE A 477 -12.67 31.15 -29.75
CA PHE A 477 -13.90 30.83 -30.46
C PHE A 477 -14.82 32.05 -30.61
N SER B 4 -4.54 -5.16 0.26
CA SER B 4 -3.46 -4.94 1.25
C SER B 4 -3.56 -5.94 2.39
N PRO B 5 -2.42 -6.30 2.99
CA PRO B 5 -2.49 -7.31 4.04
C PRO B 5 -3.38 -6.87 5.19
N ARG B 6 -3.89 -7.85 5.91
CA ARG B 6 -4.70 -7.59 7.07
C ARG B 6 -3.85 -6.84 8.07
N LYS B 7 -4.44 -5.90 8.77
CA LYS B 7 -3.76 -5.30 9.92
C LYS B 7 -3.57 -6.36 11.04
N LYS B 8 -4.56 -7.23 11.18
CA LYS B 8 -4.64 -8.20 12.27
C LYS B 8 -5.21 -9.50 11.70
N ARG B 9 -4.78 -10.63 12.26
CA ARG B 9 -5.14 -11.97 11.81
C ARG B 9 -5.27 -12.88 13.01
N PRO B 10 -6.44 -13.49 13.21
CA PRO B 10 -6.50 -14.56 14.21
C PRO B 10 -5.88 -15.84 13.64
N ARG B 11 -5.41 -16.71 14.52
CA ARG B 11 -5.02 -18.05 14.11
C ARG B 11 -6.21 -18.96 14.35
N GLN B 12 -6.75 -19.49 13.25
CA GLN B 12 -7.96 -20.30 13.33
C GLN B 12 -7.68 -21.79 13.16
N THR B 13 -8.69 -22.58 13.43
CA THR B 13 -8.56 -24.03 13.53
C THR B 13 -8.04 -24.65 12.24
CA LYS C 7 3.12 19.23 -10.12
C LYS C 7 2.61 17.89 -9.60
N LYS C 8 3.37 17.26 -8.70
CA LYS C 8 3.07 15.89 -8.26
C LYS C 8 1.95 15.90 -7.24
N ARG C 9 1.21 14.79 -7.19
CA ARG C 9 0.09 14.60 -6.26
C ARG C 9 0.24 13.23 -5.60
N PRO C 10 0.46 13.19 -4.28
C1 GOL D . 16.21 1.19 -19.51
O1 GOL D . 16.21 -0.18 -19.90
C2 GOL D . 15.29 2.03 -20.39
O2 GOL D . 13.95 1.53 -20.37
C3 GOL D . 15.33 3.45 -19.83
O3 GOL D . 14.32 4.24 -20.44
C1 GOL E . -1.96 21.32 -35.72
O1 GOL E . -2.20 21.27 -34.33
C2 GOL E . -0.74 20.45 -36.10
O2 GOL E . -1.06 19.60 -37.18
C3 GOL E . 0.44 21.34 -36.48
O3 GOL E . 1.61 20.56 -36.62
C1 GOL F . 8.16 14.66 -29.24
O1 GOL F . 9.29 15.49 -28.92
C2 GOL F . 8.51 13.79 -30.46
O2 GOL F . 9.32 12.71 -30.06
C3 GOL F . 7.23 13.32 -31.14
O3 GOL F . 7.47 12.17 -31.94
#